data_3DDC
#
_entry.id   3DDC
#
_cell.length_a   79.600
_cell.length_b   88.000
_cell.length_c   56.500
_cell.angle_alpha   90.00
_cell.angle_beta   125.00
_cell.angle_gamma   90.00
#
_symmetry.space_group_name_H-M   'C 1 2 1'
#
loop_
_entity.id
_entity.type
_entity.pdbx_description
1 polymer 'GTPase HRas'
2 polymer 'Ras association domain-containing family protein 5'
3 non-polymer 'MAGNESIUM ION'
4 non-polymer 'PHOSPHOAMINOPHOSPHONIC ACID-GUANYLATE ESTER'
5 water water
#
loop_
_entity_poly.entity_id
_entity_poly.type
_entity_poly.pdbx_seq_one_letter_code
_entity_poly.pdbx_strand_id
1 'polypeptide(L)'
;MTEYKLVVVGAGGVGKSALTIQLIQNHFVEKYDPTIEDSYRKQVVIDGETCLLDILDTAGQEEYSAMRDQYMRTGEGFLC
VFAINNTKSFEDIHQYREQIKRVKDSDDVPMVLVGNKCDLAARTVESRQAQDLARSYGIPYIETSAKTRQGVEDAFYTLV
REIRQH
;
A
2 'polypeptide(L)'
;GSPEFPPTIQEIKQKIDSYNSREKHCLGMKLSEDGTYTGFIKVHLKLRRPVTVPAGIRPQSIYDAIKEVNPAATTDKRTS
FYLPLDAIKQMHISSTTTVSEVIQGLLDKFMVVDNPQKFALFKRIHKDGQVLFQKLSIADYPLYLRLLAGPDTDVLSFVL
KEN
;
B
#
loop_
_chem_comp.id
_chem_comp.type
_chem_comp.name
_chem_comp.formula
GNP non-polymer 'PHOSPHOAMINOPHOSPHONIC ACID-GUANYLATE ESTER' 'C10 H17 N6 O13 P3'
MG non-polymer 'MAGNESIUM ION' 'Mg 2'
#
# COMPACT_ATOMS: atom_id res chain seq x y z
N MET A 1 13.27 10.25 16.15
CA MET A 1 11.79 10.18 16.35
C MET A 1 11.31 8.75 16.55
N THR A 2 10.16 8.61 17.17
CA THR A 2 9.59 7.28 17.36
C THR A 2 8.78 6.87 16.10
N GLU A 3 8.73 5.59 15.84
CA GLU A 3 8.10 5.07 14.66
C GLU A 3 6.82 4.32 15.01
N TYR A 4 5.83 4.45 14.14
CA TYR A 4 4.53 3.84 14.36
C TYR A 4 4.15 3.04 13.14
N LYS A 5 3.78 1.77 13.36
CA LYS A 5 3.34 0.93 12.24
C LYS A 5 1.81 0.87 12.15
N LEU A 6 1.27 1.60 11.17
CA LEU A 6 -0.18 1.76 10.96
C LEU A 6 -0.58 0.90 9.78
N VAL A 7 -1.74 0.26 9.91
CA VAL A 7 -2.28 -0.58 8.85
C VAL A 7 -3.73 -0.13 8.57
N VAL A 8 -4.07 0.03 7.29
CA VAL A 8 -5.38 0.49 6.85
C VAL A 8 -6.09 -0.73 6.22
N VAL A 9 -7.21 -1.13 6.83
CA VAL A 9 -7.94 -2.37 6.44
C VAL A 9 -9.44 -2.05 6.19
N GLY A 10 -10.10 -2.95 5.48
CA GLY A 10 -11.50 -2.75 5.16
C GLY A 10 -11.82 -3.32 3.80
N ALA A 11 -13.11 -3.37 3.48
CA ALA A 11 -13.59 -4.02 2.27
C ALA A 11 -13.08 -3.26 1.03
N GLY A 12 -13.05 -3.93 -0.12
CA GLY A 12 -12.62 -3.29 -1.36
C GLY A 12 -13.49 -2.11 -1.69
N GLY A 13 -12.83 -1.02 -2.10
CA GLY A 13 -13.45 0.17 -2.62
C GLY A 13 -13.93 1.20 -1.63
N VAL A 14 -13.62 1.00 -0.36
CA VAL A 14 -14.12 1.91 0.68
C VAL A 14 -13.36 3.23 0.75
N GLY A 15 -12.19 3.26 0.10
CA GLY A 15 -11.33 4.43 0.13
C GLY A 15 -10.08 4.33 0.98
N LYS A 16 -9.58 3.11 1.27
CA LYS A 16 -8.35 2.94 2.04
C LYS A 16 -7.16 3.68 1.40
N SER A 17 -6.96 3.46 0.09
CA SER A 17 -5.87 4.13 -0.66
C SER A 17 -6.08 5.62 -0.78
N ALA A 18 -7.32 6.01 -1.07
CA ALA A 18 -7.64 7.42 -1.16
C ALA A 18 -7.35 8.11 0.17
N LEU A 19 -7.69 7.52 1.30
CA LEU A 19 -7.38 8.13 2.59
C LEU A 19 -5.87 8.24 2.78
N THR A 20 -5.15 7.17 2.45
CA THR A 20 -3.71 7.11 2.67
C THR A 20 -3.02 8.18 1.84
N ILE A 21 -3.42 8.27 0.59
CA ILE A 21 -2.83 9.20 -0.40
C ILE A 21 -3.14 10.68 -0.05
N GLN A 22 -4.37 10.94 0.41
CA GLN A 22 -4.65 12.24 1.01
C GLN A 22 -3.65 12.61 2.15
N LEU A 23 -3.34 11.67 3.04
CA LEU A 23 -2.32 11.93 4.07
C LEU A 23 -0.89 12.10 3.51
N ILE A 24 -0.49 11.15 2.66
CA ILE A 24 0.85 11.18 2.05
C ILE A 24 1.09 12.32 1.06
N GLN A 25 0.18 12.51 0.11
CA GLN A 25 0.40 13.42 -1.01
C GLN A 25 -0.46 14.67 -1.00
N ASN A 26 -1.39 14.75 -0.06
CA ASN A 26 -2.30 15.89 0.03
C ASN A 26 -3.13 16.09 -1.23
N HIS A 27 -3.54 15.01 -1.89
CA HIS A 27 -4.52 15.13 -2.98
C HIS A 27 -5.46 13.93 -3.04
N PHE A 28 -6.56 14.09 -3.79
CA PHE A 28 -7.61 13.06 -3.86
C PHE A 28 -7.47 12.19 -5.12
N VAL A 29 -7.41 10.88 -4.94
CA VAL A 29 -7.34 9.94 -6.05
C VAL A 29 -8.75 9.57 -6.45
N GLU A 30 -9.13 9.96 -7.65
CA GLU A 30 -10.47 9.71 -8.21
C GLU A 30 -10.50 8.31 -8.82
N LYS A 31 -9.34 7.89 -9.35
CA LYS A 31 -9.24 6.59 -9.98
C LYS A 31 -9.40 5.47 -8.96
N TYR A 32 -9.91 4.34 -9.45
CA TYR A 32 -10.12 3.15 -8.63
C TYR A 32 -9.17 2.08 -9.15
N ASP A 33 -8.05 1.94 -8.44
CA ASP A 33 -6.98 1.02 -8.78
C ASP A 33 -6.81 0.07 -7.59
N PRO A 34 -7.41 -1.12 -7.65
CA PRO A 34 -7.38 -2.03 -6.50
C PRO A 34 -5.97 -2.31 -6.02
N THR A 35 -5.79 -2.28 -4.70
CA THR A 35 -4.45 -2.45 -4.12
C THR A 35 -4.13 -3.91 -3.87
N ILE A 36 -2.87 -4.29 -4.09
CA ILE A 36 -2.40 -5.61 -3.64
C ILE A 36 -1.85 -5.44 -2.23
N GLU A 37 -0.76 -4.67 -2.10
CA GLU A 37 -0.33 -4.15 -0.79
C GLU A 37 0.75 -3.12 -1.05
N ASP A 38 0.52 -1.92 -0.56
CA ASP A 38 1.44 -0.79 -0.73
C ASP A 38 1.89 -0.30 0.62
N SER A 39 3.08 0.29 0.70
CA SER A 39 3.57 0.84 1.97
C SER A 39 4.12 2.24 1.79
N TYR A 40 4.03 3.04 2.87
CA TYR A 40 4.41 4.45 2.80
C TYR A 40 5.16 4.82 4.07
N ARG A 41 6.07 5.76 3.92
CA ARG A 41 6.76 6.34 5.08
C ARG A 41 6.51 7.83 5.10
N LYS A 42 5.97 8.32 6.21
CA LYS A 42 5.61 9.72 6.31
C LYS A 42 6.02 10.28 7.67
N GLN A 43 6.82 11.33 7.67
CA GLN A 43 7.16 12.03 8.91
C GLN A 43 6.08 13.07 9.23
N VAL A 44 5.61 13.07 10.47
CA VAL A 44 4.54 13.97 10.90
C VAL A 44 4.81 14.53 12.31
N VAL A 45 4.08 15.58 12.69
CA VAL A 45 4.12 16.10 14.07
C VAL A 45 2.74 15.95 14.67
N ILE A 46 2.63 15.15 15.74
CA ILE A 46 1.35 14.93 16.39
C ILE A 46 1.49 15.37 17.83
N ASP A 47 0.69 16.35 18.22
CA ASP A 47 0.76 16.95 19.56
C ASP A 47 2.18 17.26 19.99
N GLY A 48 2.96 17.84 19.09
CA GLY A 48 4.30 18.30 19.41
C GLY A 48 5.39 17.24 19.27
N GLU A 49 5.00 15.99 19.08
CA GLU A 49 5.96 14.90 18.84
C GLU A 49 6.10 14.61 17.36
N THR A 50 7.35 14.58 16.92
CA THR A 50 7.71 14.16 15.57
C THR A 50 7.71 12.62 15.53
N CYS A 51 6.97 12.06 14.57
CA CYS A 51 6.72 10.64 14.44
C CYS A 51 7.04 10.27 13.00
N LEU A 52 7.58 9.07 12.80
CA LEU A 52 7.65 8.41 11.50
C LEU A 52 6.52 7.40 11.40
N LEU A 53 5.61 7.63 10.46
CA LEU A 53 4.51 6.70 10.26
C LEU A 53 4.88 5.77 9.13
N ASP A 54 4.90 4.48 9.39
CA ASP A 54 5.02 3.52 8.32
C ASP A 54 3.64 3.05 8.08
N ILE A 55 3.09 3.31 6.91
CA ILE A 55 1.68 3.00 6.69
C ILE A 55 1.50 1.90 5.67
N LEU A 56 0.79 0.84 6.05
CA LEU A 56 0.54 -0.24 5.13
C LEU A 56 -0.91 -0.13 4.63
N ASP A 57 -1.05 0.02 3.33
CA ASP A 57 -2.33 0.13 2.68
C ASP A 57 -2.64 -1.23 2.06
N THR A 58 -3.69 -1.90 2.58
CA THR A 58 -3.89 -3.29 2.28
C THR A 58 -4.97 -3.52 1.21
N ALA A 59 -5.09 -4.78 0.76
CA ALA A 59 -6.10 -5.20 -0.23
C ALA A 59 -7.46 -5.46 0.42
N GLY A 60 -8.49 -4.84 -0.12
CA GLY A 60 -9.86 -5.19 0.25
C GLY A 60 -10.37 -6.35 -0.59
N GLN A 61 -9.81 -6.55 -1.79
CA GLN A 61 -10.26 -7.68 -2.63
C GLN A 61 -9.93 -9.07 -2.06
N GLU A 62 -10.91 -9.96 -2.12
CA GLU A 62 -10.75 -11.25 -1.48
C GLU A 62 -9.56 -12.08 -1.97
N GLU A 63 -9.17 -11.88 -3.22
CA GLU A 63 -8.07 -12.68 -3.77
C GLU A 63 -6.77 -12.57 -2.98
N TYR A 64 -6.60 -11.49 -2.21
CA TYR A 64 -5.38 -11.26 -1.43
C TYR A 64 -5.57 -11.50 0.07
N SER A 65 -6.64 -12.20 0.44
CA SER A 65 -6.96 -12.47 1.84
C SER A 65 -5.85 -13.22 2.58
N ALA A 66 -5.07 -14.02 1.85
CA ALA A 66 -4.02 -14.83 2.48
C ALA A 66 -2.89 -13.97 3.07
N MET A 67 -2.76 -12.72 2.61
CA MET A 67 -1.73 -11.79 3.09
C MET A 67 -2.02 -11.16 4.46
N ARG A 68 -3.22 -11.44 5.00
CA ARG A 68 -3.64 -10.75 6.22
C ARG A 68 -2.89 -11.13 7.47
N ASP A 69 -2.64 -12.42 7.69
CA ASP A 69 -1.94 -12.86 8.91
C ASP A 69 -0.62 -12.10 9.06
N GLN A 70 0.15 -12.08 7.97
CA GLN A 70 1.41 -11.36 7.86
C GLN A 70 1.35 -9.89 8.26
N TYR A 71 0.40 -9.14 7.71
CA TYR A 71 0.37 -7.72 8.07
C TYR A 71 -0.25 -7.44 9.45
N MET A 72 -1.11 -8.34 9.91
CA MET A 72 -1.72 -8.19 11.22
C MET A 72 -0.73 -8.48 12.33
N ARG A 73 0.18 -9.41 12.09
CA ARG A 73 1.28 -9.66 13.01
C ARG A 73 2.14 -8.42 13.23
N THR A 74 2.48 -7.73 12.14
CA THR A 74 3.47 -6.67 12.20
C THR A 74 2.89 -5.29 12.57
N GLY A 75 1.62 -5.05 12.25
CA GLY A 75 0.97 -3.77 12.55
C GLY A 75 0.76 -3.42 14.02
N GLU A 76 0.92 -2.15 14.37
CA GLU A 76 0.75 -1.71 15.73
C GLU A 76 -0.64 -1.13 15.99
N GLY A 77 -1.23 -0.51 14.99
CA GLY A 77 -2.58 0.02 15.08
C GLY A 77 -3.26 -0.07 13.72
N PHE A 78 -4.59 -0.18 13.73
CA PHE A 78 -5.39 -0.44 12.53
C PHE A 78 -6.49 0.59 12.35
N LEU A 79 -6.54 1.19 11.15
CA LEU A 79 -7.68 2.00 10.79
C LEU A 79 -8.62 1.05 10.07
N CYS A 80 -9.80 0.87 10.64
CA CYS A 80 -10.79 -0.05 10.11
C CYS A 80 -11.84 0.77 9.38
N VAL A 81 -11.79 0.71 8.05
CA VAL A 81 -12.55 1.62 7.20
C VAL A 81 -13.70 0.95 6.51
N PHE A 82 -14.85 1.60 6.58
CA PHE A 82 -16.00 1.25 5.74
C PHE A 82 -16.45 2.51 5.03
N ALA A 83 -17.35 2.38 4.06
CA ALA A 83 -17.92 3.54 3.40
C ALA A 83 -19.39 3.69 3.81
N ILE A 84 -19.77 4.92 4.12
CA ILE A 84 -21.11 5.20 4.71
C ILE A 84 -22.25 5.00 3.69
N ASN A 85 -21.91 4.81 2.41
CA ASN A 85 -22.88 4.45 1.36
C ASN A 85 -22.77 2.99 0.90
N ASN A 86 -22.17 2.16 1.74
CA ASN A 86 -22.03 0.76 1.43
C ASN A 86 -22.25 -0.10 2.65
N THR A 87 -23.46 -0.63 2.76
CA THR A 87 -23.84 -1.41 3.95
C THR A 87 -22.98 -2.67 4.12
N LYS A 88 -22.67 -3.33 3.01
CA LYS A 88 -21.85 -4.53 3.07
C LYS A 88 -20.46 -4.23 3.66
N SER A 89 -19.88 -3.10 3.30
CA SER A 89 -18.57 -2.73 3.86
C SER A 89 -18.61 -2.58 5.36
N PHE A 90 -19.72 -2.05 5.87
CA PHE A 90 -19.91 -1.88 7.29
C PHE A 90 -20.06 -3.25 7.96
N GLU A 91 -20.87 -4.12 7.38
CA GLU A 91 -20.97 -5.53 7.84
C GLU A 91 -19.61 -6.24 7.86
N ASP A 92 -18.74 -5.94 6.92
CA ASP A 92 -17.42 -6.57 6.88
C ASP A 92 -16.44 -6.13 7.98
N ILE A 93 -16.73 -5.03 8.68
CA ILE A 93 -15.82 -4.49 9.70
C ILE A 93 -15.51 -5.47 10.82
N HIS A 94 -16.55 -6.11 11.31
CA HIS A 94 -16.38 -7.03 12.44
C HIS A 94 -15.40 -8.14 12.08
N GLN A 95 -15.40 -8.57 10.82
CA GLN A 95 -14.49 -9.65 10.38
C GLN A 95 -13.02 -9.25 10.54
N TYR A 96 -12.70 -8.03 10.12
CA TYR A 96 -11.36 -7.45 10.38
C TYR A 96 -11.05 -7.34 11.88
N ARG A 97 -11.96 -6.77 12.68
CA ARG A 97 -11.75 -6.68 14.13
C ARG A 97 -11.40 -8.05 14.71
N GLU A 98 -12.16 -9.06 14.31
CA GLU A 98 -11.98 -10.43 14.82
C GLU A 98 -10.66 -11.05 14.38
N GLN A 99 -10.27 -10.88 13.11
CA GLN A 99 -9.03 -11.49 12.64
C GLN A 99 -7.79 -10.85 13.29
N ILE A 100 -7.79 -9.53 13.43
CA ILE A 100 -6.75 -8.82 14.15
C ILE A 100 -6.62 -9.34 15.60
N LYS A 101 -7.76 -9.40 16.29
CA LYS A 101 -7.81 -9.92 17.68
C LYS A 101 -7.22 -11.33 17.76
N ARG A 102 -7.55 -12.18 16.77
CA ARG A 102 -7.05 -13.56 16.72
C ARG A 102 -5.55 -13.59 16.51
N VAL A 103 -5.12 -12.98 15.39
CA VAL A 103 -3.69 -12.92 15.02
C VAL A 103 -2.76 -12.28 16.07
N LYS A 104 -3.24 -11.22 16.74
CA LYS A 104 -2.42 -10.51 17.72
C LYS A 104 -2.64 -11.03 19.13
N ASP A 105 -3.71 -11.82 19.29
CA ASP A 105 -3.99 -12.50 20.56
C ASP A 105 -4.28 -11.48 21.67
N SER A 106 -5.07 -10.46 21.31
CA SER A 106 -5.38 -9.36 22.22
C SER A 106 -6.76 -8.77 21.95
N ASP A 107 -7.47 -8.38 23.01
CA ASP A 107 -8.78 -7.73 22.84
C ASP A 107 -8.75 -6.20 22.99
N ASP A 108 -7.56 -5.59 22.86
CA ASP A 108 -7.45 -4.13 22.92
C ASP A 108 -6.34 -3.58 22.01
N VAL A 109 -6.17 -4.23 20.86
CA VAL A 109 -5.28 -3.74 19.81
C VAL A 109 -5.78 -2.34 19.43
N PRO A 110 -4.86 -1.35 19.35
CA PRO A 110 -5.23 0.01 18.93
C PRO A 110 -5.90 0.01 17.53
N MET A 111 -7.12 0.56 17.51
CA MET A 111 -7.97 0.60 16.32
C MET A 111 -8.80 1.85 16.38
N VAL A 112 -9.10 2.37 15.19
CA VAL A 112 -10.07 3.44 14.99
C VAL A 112 -11.06 2.98 13.90
N LEU A 113 -12.35 3.19 14.16
CA LEU A 113 -13.38 2.90 13.15
C LEU A 113 -13.57 4.15 12.32
N VAL A 114 -13.42 3.98 11.01
CA VAL A 114 -13.50 5.11 10.07
C VAL A 114 -14.66 4.90 9.10
N GLY A 115 -15.63 5.81 9.12
CA GLY A 115 -16.73 5.84 8.13
C GLY A 115 -16.39 6.83 7.05
N ASN A 116 -15.87 6.33 5.92
CA ASN A 116 -15.38 7.21 4.85
C ASN A 116 -16.44 7.56 3.83
N LYS A 117 -16.11 8.51 2.95
CA LYS A 117 -16.99 8.99 1.89
C LYS A 117 -18.12 9.83 2.50
N CYS A 118 -17.84 10.49 3.60
CA CYS A 118 -18.86 11.32 4.27
C CYS A 118 -19.22 12.58 3.50
N ASP A 119 -18.51 12.85 2.41
CA ASP A 119 -18.88 13.93 1.47
C ASP A 119 -20.13 13.58 0.66
N LEU A 120 -20.47 12.30 0.62
CA LEU A 120 -21.56 11.85 -0.23
C LEU A 120 -22.90 11.96 0.50
N ALA A 121 -23.91 12.37 -0.25
CA ALA A 121 -25.26 12.59 0.27
C ALA A 121 -26.05 11.26 0.48
N ALA A 122 -25.84 10.30 -0.41
CA ALA A 122 -26.62 9.05 -0.42
C ALA A 122 -26.13 8.01 0.60
N ARG A 123 -26.30 8.33 1.89
CA ARG A 123 -25.84 7.52 3.00
C ARG A 123 -26.75 6.35 3.28
N THR A 124 -26.16 5.17 3.45
CA THR A 124 -26.92 3.97 3.78
C THR A 124 -26.59 3.35 5.14
N VAL A 125 -25.45 3.73 5.73
CA VAL A 125 -25.08 3.32 7.08
C VAL A 125 -25.31 4.50 8.00
N GLU A 126 -26.22 4.31 8.93
CA GLU A 126 -26.58 5.39 9.84
C GLU A 126 -25.41 5.63 10.80
N SER A 127 -25.12 6.89 11.10
CA SER A 127 -23.99 7.19 11.96
C SER A 127 -24.16 6.53 13.34
N ARG A 128 -25.40 6.49 13.81
CA ARG A 128 -25.69 5.88 15.11
C ARG A 128 -25.31 4.39 15.16
N GLN A 129 -25.58 3.66 14.08
CA GLN A 129 -25.16 2.25 14.07
C GLN A 129 -23.63 2.10 14.12
N ALA A 130 -22.89 2.99 13.45
CA ALA A 130 -21.43 2.95 13.48
C ALA A 130 -20.86 3.38 14.83
N GLN A 131 -21.47 4.41 15.42
CA GLN A 131 -21.11 4.85 16.77
C GLN A 131 -21.30 3.70 17.74
N ASP A 132 -22.39 2.94 17.57
CA ASP A 132 -22.73 1.79 18.43
C ASP A 132 -21.65 0.69 18.34
N LEU A 133 -21.21 0.40 17.12
CA LEU A 133 -20.15 -0.60 16.90
C LEU A 133 -18.84 -0.19 17.53
N ALA A 134 -18.42 1.04 17.31
CA ALA A 134 -17.19 1.54 17.90
C ALA A 134 -17.27 1.52 19.42
N ARG A 135 -18.43 1.87 19.98
CA ARG A 135 -18.62 1.83 21.42
C ARG A 135 -18.49 0.39 21.95
N SER A 136 -19.12 -0.56 21.26
CA SER A 136 -18.96 -1.99 21.54
C SER A 136 -17.49 -2.46 21.61
N TYR A 137 -16.65 -1.98 20.69
CA TYR A 137 -15.25 -2.36 20.65
C TYR A 137 -14.39 -1.53 21.61
N GLY A 138 -14.94 -0.44 22.12
CA GLY A 138 -14.14 0.49 22.93
C GLY A 138 -13.13 1.31 22.14
N ILE A 139 -13.51 1.70 20.93
CA ILE A 139 -12.62 2.45 20.05
C ILE A 139 -13.33 3.70 19.56
N PRO A 140 -12.55 4.70 19.09
CA PRO A 140 -13.11 5.92 18.50
C PRO A 140 -13.77 5.66 17.14
N TYR A 141 -14.80 6.46 16.84
CA TYR A 141 -15.42 6.49 15.52
C TYR A 141 -15.21 7.87 14.91
N ILE A 142 -14.71 7.90 13.68
CA ILE A 142 -14.51 9.15 12.97
C ILE A 142 -15.05 9.02 11.57
N GLU A 143 -15.79 10.02 11.09
CA GLU A 143 -16.18 10.07 9.68
C GLU A 143 -15.15 10.92 8.93
N THR A 144 -14.79 10.44 7.75
CA THR A 144 -13.75 11.06 6.93
C THR A 144 -14.29 11.18 5.52
N SER A 145 -13.65 12.05 4.74
CA SER A 145 -13.79 12.11 3.30
C SER A 145 -12.38 12.29 2.78
N ALA A 146 -11.93 11.28 2.04
CA ALA A 146 -10.68 11.37 1.32
C ALA A 146 -10.77 12.46 0.24
N LYS A 147 -11.98 12.75 -0.22
CA LYS A 147 -12.20 13.76 -1.26
C LYS A 147 -12.01 15.19 -0.75
N THR A 148 -12.64 15.53 0.37
CA THR A 148 -12.63 16.91 0.89
C THR A 148 -11.50 17.11 1.87
N ARG A 149 -10.94 15.98 2.31
CA ARG A 149 -9.93 15.89 3.37
C ARG A 149 -10.51 15.90 4.79
N GLN A 150 -11.83 16.05 4.91
CA GLN A 150 -12.52 16.01 6.21
C GLN A 150 -12.13 14.79 7.06
N GLY A 151 -11.62 15.03 8.28
CA GLY A 151 -11.34 13.96 9.23
C GLY A 151 -10.10 13.13 8.99
N VAL A 152 -9.44 13.35 7.86
CA VAL A 152 -8.31 12.47 7.44
C VAL A 152 -7.18 12.49 8.46
N GLU A 153 -6.62 13.67 8.75
CA GLU A 153 -5.63 13.80 9.84
C GLU A 153 -6.10 13.28 11.18
N ASP A 154 -7.32 13.64 11.59
CA ASP A 154 -7.88 13.19 12.85
C ASP A 154 -7.89 11.67 12.92
N ALA A 155 -8.25 11.01 11.82
CA ALA A 155 -8.30 9.54 11.83
C ALA A 155 -6.92 8.93 12.12
N PHE A 156 -5.92 9.34 11.34
CA PHE A 156 -4.56 8.82 11.52
C PHE A 156 -3.94 9.26 12.85
N TYR A 157 -4.12 10.52 13.21
CA TYR A 157 -3.55 11.06 14.44
C TYR A 157 -4.20 10.43 15.68
N THR A 158 -5.51 10.22 15.62
CA THR A 158 -6.23 9.50 16.69
C THR A 158 -5.64 8.10 16.88
N LEU A 159 -5.38 7.42 15.76
CA LEU A 159 -4.78 6.10 15.80
C LEU A 159 -3.41 6.10 16.45
N VAL A 160 -2.58 7.07 16.11
CA VAL A 160 -1.27 7.19 16.78
C VAL A 160 -1.44 7.45 18.27
N ARG A 161 -2.38 8.32 18.61
CA ARG A 161 -2.70 8.58 20.02
C ARG A 161 -3.13 7.29 20.72
N GLU A 162 -3.99 6.51 20.07
CA GLU A 162 -4.42 5.20 20.61
C GLU A 162 -3.25 4.27 20.86
N ILE A 163 -2.22 4.34 20.02
CA ILE A 163 -1.05 3.48 20.14
C ILE A 163 -0.16 3.93 21.29
N ARG A 164 0.08 5.23 21.40
CA ARG A 164 1.00 5.71 22.41
C ARG A 164 0.40 5.74 23.81
N GLN A 165 -0.94 5.64 23.88
CA GLN A 165 -1.63 5.51 25.16
C GLN A 165 -1.90 4.05 25.51
N HIS A 166 -1.33 3.13 24.74
CA HIS A 166 -1.60 1.69 24.90
C HIS A 166 -0.48 0.97 25.66
N PRO B 6 17.72 -19.00 -23.69
CA PRO B 6 17.48 -17.64 -23.24
C PRO B 6 16.01 -17.30 -22.87
N PRO B 7 15.36 -18.11 -22.03
CA PRO B 7 15.58 -19.52 -21.69
C PRO B 7 14.54 -20.43 -22.38
N THR B 8 14.62 -21.74 -22.10
CA THR B 8 13.62 -22.71 -22.54
C THR B 8 12.27 -22.42 -21.86
N ILE B 9 11.16 -22.76 -22.52
CA ILE B 9 9.84 -22.57 -21.89
C ILE B 9 9.65 -23.48 -20.66
N GLN B 10 10.16 -24.71 -20.75
CA GLN B 10 10.12 -25.66 -19.65
C GLN B 10 11.08 -25.23 -18.54
N GLU B 11 12.14 -24.53 -18.94
CA GLU B 11 13.06 -23.89 -18.01
C GLU B 11 12.30 -22.81 -17.22
N ILE B 12 11.53 -21.99 -17.94
CA ILE B 12 10.67 -20.94 -17.33
C ILE B 12 9.62 -21.58 -16.41
N LYS B 13 8.99 -22.64 -16.89
CA LYS B 13 8.04 -23.42 -16.06
C LYS B 13 8.66 -23.84 -14.73
N GLN B 14 9.82 -24.51 -14.77
CA GLN B 14 10.47 -24.92 -13.53
C GLN B 14 10.90 -23.72 -12.67
N LYS B 15 11.38 -22.66 -13.32
CA LYS B 15 11.78 -21.44 -12.61
C LYS B 15 10.60 -20.81 -11.83
N ILE B 16 9.43 -20.83 -12.46
CA ILE B 16 8.21 -20.30 -11.84
C ILE B 16 7.80 -21.15 -10.65
N ASP B 17 7.88 -22.48 -10.79
CA ASP B 17 7.54 -23.40 -9.70
C ASP B 17 8.46 -23.21 -8.49
N SER B 18 9.76 -23.12 -8.74
CA SER B 18 10.74 -22.81 -7.70
C SER B 18 10.50 -21.45 -7.03
N TYR B 19 10.25 -20.44 -7.85
CA TYR B 19 9.91 -19.09 -7.38
C TYR B 19 8.74 -19.14 -6.41
N ASN B 20 7.69 -19.83 -6.83
CA ASN B 20 6.42 -19.86 -6.09
C ASN B 20 6.48 -20.60 -4.75
N SER B 21 7.42 -21.53 -4.62
CA SER B 21 7.64 -22.28 -3.39
C SER B 21 8.22 -21.39 -2.29
N ARG B 22 8.83 -20.29 -2.71
CA ARG B 22 9.54 -19.35 -1.85
C ARG B 22 8.75 -18.04 -1.64
N GLU B 23 7.45 -18.09 -2.01
CA GLU B 23 6.53 -16.94 -2.08
C GLU B 23 5.12 -17.36 -1.65
N LYS B 24 4.28 -16.42 -1.20
CA LYS B 24 2.85 -16.71 -0.93
C LYS B 24 2.04 -16.91 -2.24
N HIS B 25 1.03 -17.78 -2.19
CA HIS B 25 0.19 -18.21 -3.35
C HIS B 25 -0.43 -17.12 -4.25
N CYS B 26 -1.09 -16.14 -3.62
CA CYS B 26 -1.65 -14.99 -4.35
C CYS B 26 -0.55 -14.02 -4.85
N LEU B 27 0.70 -14.21 -4.41
CA LEU B 27 1.80 -13.38 -4.91
C LEU B 27 2.76 -14.11 -5.89
N GLY B 28 2.41 -15.33 -6.25
CA GLY B 28 3.24 -16.14 -7.15
C GLY B 28 3.16 -15.68 -8.61
N MET B 29 4.05 -16.27 -9.42
CA MET B 29 4.07 -16.06 -10.85
C MET B 29 3.14 -17.09 -11.48
N LYS B 30 2.71 -16.80 -12.68
CA LYS B 30 1.84 -17.72 -13.44
C LYS B 30 2.31 -17.84 -14.87
N LEU B 31 2.47 -19.08 -15.34
CA LEU B 31 2.87 -19.34 -16.70
C LEU B 31 1.68 -19.10 -17.67
N SER B 32 1.98 -18.45 -18.81
CA SER B 32 1.01 -18.30 -19.90
C SER B 32 1.53 -18.86 -21.24
N GLU B 33 0.98 -18.37 -22.35
CA GLU B 33 1.28 -18.89 -23.69
C GLU B 33 2.72 -18.66 -24.11
N ASP B 34 3.31 -19.70 -24.67
CA ASP B 34 4.68 -19.73 -25.17
C ASP B 34 5.74 -19.03 -24.33
N GLY B 35 5.83 -19.42 -23.07
CA GLY B 35 6.91 -18.94 -22.20
C GLY B 35 6.72 -17.54 -21.70
N THR B 36 5.55 -16.95 -21.95
CA THR B 36 5.16 -15.71 -21.26
C THR B 36 4.61 -16.05 -19.87
N TYR B 37 4.57 -15.06 -18.99
CA TYR B 37 4.12 -15.26 -17.61
C TYR B 37 3.69 -13.92 -17.01
N THR B 38 2.98 -14.00 -15.90
CA THR B 38 2.57 -12.81 -15.17
C THR B 38 3.01 -12.96 -13.73
N GLY B 39 3.03 -11.87 -12.98
CA GLY B 39 3.62 -11.92 -11.65
C GLY B 39 3.74 -10.55 -11.03
N PHE B 40 4.38 -10.47 -9.88
CA PHE B 40 4.36 -9.22 -9.12
C PHE B 40 5.76 -8.67 -8.93
N ILE B 41 5.86 -7.34 -8.94
CA ILE B 41 7.09 -6.67 -8.47
C ILE B 41 6.71 -5.56 -7.48
N LYS B 42 7.71 -5.09 -6.74
CA LYS B 42 7.53 -3.94 -5.89
C LYS B 42 8.49 -2.90 -6.41
N VAL B 43 8.02 -1.65 -6.50
CA VAL B 43 8.93 -0.56 -6.83
C VAL B 43 8.97 0.46 -5.70
N HIS B 44 10.18 0.73 -5.20
CA HIS B 44 10.34 1.78 -4.20
C HIS B 44 10.47 3.15 -4.88
N LEU B 45 9.50 4.04 -4.64
CA LEU B 45 9.57 5.43 -5.14
C LEU B 45 10.23 6.26 -4.06
N LYS B 46 11.33 6.91 -4.42
CA LYS B 46 11.97 7.81 -3.49
C LYS B 46 12.16 9.13 -4.22
N LEU B 47 11.16 10.01 -4.05
CA LEU B 47 11.08 11.24 -4.83
C LEU B 47 10.92 12.42 -3.90
N ARG B 48 11.36 13.59 -4.37
CA ARG B 48 11.17 14.82 -3.61
C ARG B 48 10.17 15.59 -4.42
N ARG B 49 9.10 16.03 -3.78
CA ARG B 49 8.05 16.69 -4.49
C ARG B 49 8.01 18.18 -4.12
N PRO B 50 8.20 19.07 -5.10
CA PRO B 50 8.15 20.53 -4.86
C PRO B 50 6.75 20.92 -4.37
N VAL B 51 6.66 21.61 -3.24
CA VAL B 51 5.37 22.04 -2.71
C VAL B 51 5.33 23.53 -2.40
N THR B 52 4.10 24.06 -2.43
CA THR B 52 3.85 25.45 -2.09
C THR B 52 3.12 25.55 -0.74
N VAL B 53 3.55 26.51 0.08
CA VAL B 53 2.91 26.80 1.36
C VAL B 53 1.63 27.67 1.19
N PRO B 54 1.12 28.31 2.27
CA PRO B 54 -0.09 29.10 2.02
C PRO B 54 0.21 30.57 1.72
N SER B 80 12.88 25.95 -3.10
CA SER B 80 11.81 26.39 -2.18
C SER B 80 11.58 25.35 -1.05
N PHE B 81 10.49 24.58 -1.11
CA PHE B 81 10.18 23.55 -0.15
C PHE B 81 9.94 22.27 -0.93
N TYR B 82 10.28 21.13 -0.34
CA TYR B 82 9.83 19.89 -0.91
C TYR B 82 9.27 18.98 0.14
N LEU B 83 8.38 18.12 -0.30
CA LEU B 83 7.89 17.04 0.55
C LEU B 83 8.32 15.71 -0.07
N PRO B 84 8.85 14.76 0.75
CA PRO B 84 9.24 13.43 0.26
C PRO B 84 8.03 12.60 -0.18
N LEU B 85 8.21 11.81 -1.22
CA LEU B 85 7.25 10.73 -1.50
C LEU B 85 8.10 9.50 -1.31
N ASP B 86 7.79 8.72 -0.29
CA ASP B 86 8.57 7.52 0.01
C ASP B 86 7.58 6.39 0.09
N ALA B 87 7.52 5.59 -0.96
CA ALA B 87 6.46 4.59 -1.11
C ALA B 87 7.00 3.33 -1.77
N ILE B 88 6.38 2.19 -1.46
CA ILE B 88 6.68 0.97 -2.18
C ILE B 88 5.39 0.49 -2.79
N LYS B 89 5.34 0.54 -4.12
CA LYS B 89 4.14 0.16 -4.84
C LYS B 89 4.28 -1.28 -5.36
N GLN B 90 3.33 -2.16 -5.03
CA GLN B 90 3.32 -3.52 -5.55
C GLN B 90 2.41 -3.57 -6.79
N MET B 91 2.94 -4.13 -7.86
CA MET B 91 2.29 -4.12 -9.16
C MET B 91 2.21 -5.54 -9.71
N HIS B 92 1.10 -5.84 -10.38
CA HIS B 92 0.91 -7.07 -11.14
C HIS B 92 1.19 -6.76 -12.62
N ILE B 93 2.19 -7.42 -13.18
CA ILE B 93 2.65 -7.09 -14.54
C ILE B 93 2.90 -8.39 -15.29
N SER B 94 3.29 -8.28 -16.55
CA SER B 94 3.62 -9.49 -17.32
C SER B 94 5.06 -9.48 -17.76
N SER B 95 5.47 -10.62 -18.32
CA SER B 95 6.81 -10.79 -18.88
C SER B 95 7.16 -9.82 -20.02
N THR B 96 6.15 -9.26 -20.70
CA THR B 96 6.34 -8.30 -21.81
C THR B 96 6.18 -6.83 -21.34
N THR B 97 5.89 -6.62 -20.06
CA THR B 97 5.78 -5.26 -19.54
C THR B 97 7.17 -4.65 -19.50
N THR B 98 7.31 -3.45 -20.05
CA THR B 98 8.63 -2.83 -20.17
C THR B 98 8.89 -1.88 -19.01
N VAL B 99 10.15 -1.54 -18.82
CA VAL B 99 10.55 -0.49 -17.87
C VAL B 99 9.79 0.82 -18.20
N SER B 100 9.73 1.16 -19.49
CA SER B 100 9.01 2.36 -19.92
C SER B 100 7.55 2.36 -19.38
N GLU B 101 6.87 1.23 -19.53
CA GLU B 101 5.49 1.08 -19.02
C GLU B 101 5.40 1.21 -17.50
N VAL B 102 6.35 0.62 -16.80
CA VAL B 102 6.38 0.66 -15.32
C VAL B 102 6.56 2.11 -14.85
N ILE B 103 7.51 2.83 -15.46
CA ILE B 103 7.76 4.24 -15.09
C ILE B 103 6.54 5.11 -15.31
N GLN B 104 5.98 5.08 -16.52
CA GLN B 104 4.80 5.90 -16.81
C GLN B 104 3.63 5.56 -15.89
N GLY B 105 3.40 4.27 -15.67
CA GLY B 105 2.28 3.86 -14.81
C GLY B 105 2.44 4.42 -13.41
N LEU B 106 3.65 4.34 -12.84
CA LEU B 106 3.90 4.90 -11.50
C LEU B 106 3.72 6.43 -11.46
N LEU B 107 4.26 7.13 -12.46
CA LEU B 107 4.12 8.60 -12.46
C LEU B 107 2.66 9.02 -12.53
N ASP B 108 1.86 8.24 -13.24
CA ASP B 108 0.45 8.54 -13.39
C ASP B 108 -0.31 8.19 -12.10
N LYS B 109 -0.06 7.00 -11.57
CA LYS B 109 -0.65 6.54 -10.30
C LYS B 109 -0.41 7.53 -9.15
N PHE B 110 0.82 8.03 -9.03
CA PHE B 110 1.19 8.98 -7.98
C PHE B 110 1.03 10.45 -8.36
N MET B 111 0.37 10.67 -9.50
CA MET B 111 0.04 12.00 -10.03
C MET B 111 1.28 12.93 -10.03
N VAL B 112 2.39 12.38 -10.53
CA VAL B 112 3.61 13.12 -10.71
C VAL B 112 3.57 13.73 -12.12
N VAL B 113 3.59 15.06 -12.21
CA VAL B 113 3.40 15.76 -13.50
C VAL B 113 4.69 16.09 -14.27
N ASP B 114 5.85 15.85 -13.68
CA ASP B 114 7.14 16.17 -14.30
C ASP B 114 7.33 15.33 -15.58
N ASN B 115 8.26 15.77 -16.41
CA ASN B 115 8.65 15.08 -17.64
C ASN B 115 9.07 13.63 -17.32
N PRO B 116 8.37 12.61 -17.89
CA PRO B 116 8.70 11.22 -17.56
C PRO B 116 10.15 10.85 -17.88
N GLN B 117 10.77 11.56 -18.83
CA GLN B 117 12.14 11.31 -19.20
C GLN B 117 13.19 11.82 -18.20
N LYS B 118 12.72 12.51 -17.15
CA LYS B 118 13.52 12.91 -16.01
C LYS B 118 13.62 11.81 -14.94
N PHE B 119 12.98 10.66 -15.19
CA PHE B 119 12.96 9.55 -14.22
C PHE B 119 13.57 8.30 -14.81
N ALA B 120 14.09 7.44 -13.93
CA ALA B 120 14.70 6.19 -14.34
C ALA B 120 14.36 5.13 -13.30
N LEU B 121 14.26 3.89 -13.78
CA LEU B 121 14.08 2.76 -12.88
C LEU B 121 15.45 2.09 -12.69
N PHE B 122 15.83 1.79 -11.45
CA PHE B 122 17.10 1.13 -11.15
C PHE B 122 16.83 -0.20 -10.50
N LYS B 123 17.68 -1.19 -10.79
CA LYS B 123 17.74 -2.39 -9.99
C LYS B 123 18.86 -2.23 -9.00
N ARG B 124 18.57 -2.53 -7.75
CA ARG B 124 19.58 -2.55 -6.68
C ARG B 124 20.06 -3.97 -6.59
N ILE B 125 21.33 -4.18 -6.91
CA ILE B 125 21.87 -5.53 -7.04
C ILE B 125 23.26 -5.64 -6.45
N HIS B 126 23.74 -6.89 -6.32
CA HIS B 126 25.08 -7.15 -5.84
C HIS B 126 26.06 -7.09 -7.01
N LYS B 127 27.11 -6.29 -6.82
CA LYS B 127 28.30 -6.23 -7.67
C LYS B 127 29.54 -6.01 -6.78
N ASP B 128 30.44 -7.00 -6.77
CA ASP B 128 31.75 -6.84 -6.14
C ASP B 128 31.67 -6.64 -4.62
N GLY B 129 30.83 -7.44 -3.96
CA GLY B 129 30.57 -7.29 -2.52
C GLY B 129 29.82 -6.01 -2.15
N GLN B 130 29.58 -5.17 -3.17
CA GLN B 130 28.91 -3.91 -2.98
C GLN B 130 27.51 -4.00 -3.60
N VAL B 131 26.60 -3.33 -2.93
CA VAL B 131 25.26 -3.21 -3.41
C VAL B 131 25.22 -1.89 -4.16
N LEU B 132 24.90 -1.97 -5.46
CA LEU B 132 24.95 -0.83 -6.36
C LEU B 132 23.59 -0.72 -7.03
N PHE B 133 23.31 0.47 -7.55
CA PHE B 133 22.11 0.72 -8.30
C PHE B 133 22.49 0.87 -9.75
N GLN B 134 21.82 0.07 -10.60
CA GLN B 134 22.10 0.06 -12.04
C GLN B 134 20.86 0.52 -12.77
N LYS B 135 21.01 1.53 -13.62
CA LYS B 135 19.89 2.05 -14.36
C LYS B 135 19.41 0.98 -15.36
N LEU B 136 18.10 0.82 -15.45
CA LEU B 136 17.50 -0.09 -16.40
C LEU B 136 17.24 0.62 -17.74
N SER B 137 17.51 -0.10 -18.83
CA SER B 137 17.04 0.29 -20.14
C SER B 137 15.52 0.38 -20.16
N ILE B 138 14.98 1.44 -20.78
CA ILE B 138 13.50 1.58 -20.91
C ILE B 138 12.84 0.40 -21.64
N ALA B 139 13.66 -0.35 -22.38
CA ALA B 139 13.22 -1.55 -23.07
C ALA B 139 13.37 -2.86 -22.29
N ASP B 140 13.89 -2.77 -21.06
CA ASP B 140 14.04 -3.96 -20.23
C ASP B 140 12.72 -4.44 -19.66
N TYR B 141 12.71 -5.69 -19.19
CA TYR B 141 11.50 -6.33 -18.70
C TYR B 141 11.67 -6.68 -17.23
N PRO B 142 11.10 -5.86 -16.33
CA PRO B 142 11.31 -6.09 -14.89
C PRO B 142 10.88 -7.46 -14.36
N LEU B 143 9.82 -8.04 -14.90
CA LEU B 143 9.35 -9.33 -14.40
C LEU B 143 10.34 -10.45 -14.68
N TYR B 144 10.99 -10.36 -15.82
CA TYR B 144 12.05 -11.32 -16.18
C TYR B 144 13.21 -11.24 -15.16
N LEU B 145 13.63 -10.01 -14.87
CA LEU B 145 14.68 -9.75 -13.85
C LEU B 145 14.28 -10.29 -12.49
N ARG B 146 13.01 -10.10 -12.14
CA ARG B 146 12.46 -10.55 -10.87
C ARG B 146 12.49 -12.08 -10.77
N LEU B 147 12.00 -12.74 -11.81
CA LEU B 147 12.03 -14.20 -11.88
C LEU B 147 13.45 -14.80 -11.76
N LEU B 148 14.37 -14.26 -12.54
CA LEU B 148 15.76 -14.70 -12.50
C LEU B 148 16.38 -14.52 -11.11
N ALA B 149 16.06 -13.40 -10.43
CA ALA B 149 16.65 -13.09 -9.13
C ALA B 149 16.04 -13.93 -8.01
N GLY B 150 14.80 -14.34 -8.19
CA GLY B 150 14.06 -15.05 -7.14
C GLY B 150 13.26 -14.00 -6.37
N PRO B 151 12.44 -14.44 -5.40
CA PRO B 151 11.57 -13.58 -4.58
C PRO B 151 12.29 -12.59 -3.64
N ASP B 152 13.57 -12.80 -3.36
CA ASP B 152 14.20 -12.02 -2.29
C ASP B 152 14.56 -10.62 -2.77
N THR B 153 13.96 -9.61 -2.14
CA THR B 153 14.28 -8.22 -2.49
C THR B 153 15.67 -7.81 -2.01
N ASP B 154 16.23 -8.56 -1.06
CA ASP B 154 17.64 -8.36 -0.73
C ASP B 154 18.56 -8.59 -1.94
N VAL B 155 18.21 -9.56 -2.78
CA VAL B 155 18.99 -9.90 -4.01
C VAL B 155 18.78 -8.86 -5.14
N LEU B 156 17.52 -8.42 -5.33
CA LEU B 156 17.19 -7.44 -6.35
C LEU B 156 15.98 -6.67 -5.88
N SER B 157 16.12 -5.35 -5.87
CA SER B 157 15.00 -4.48 -5.56
C SER B 157 14.91 -3.47 -6.68
N PHE B 158 13.73 -2.90 -6.92
CA PHE B 158 13.59 -1.86 -7.95
C PHE B 158 13.37 -0.54 -7.24
N VAL B 159 13.94 0.54 -7.78
CA VAL B 159 13.75 1.87 -7.17
C VAL B 159 13.58 2.87 -8.29
N LEU B 160 12.62 3.78 -8.12
CA LEU B 160 12.34 4.81 -9.13
C LEU B 160 12.93 6.11 -8.59
N LYS B 161 13.75 6.77 -9.40
CA LYS B 161 14.45 7.99 -8.96
C LYS B 161 14.33 9.07 -10.04
N GLU B 162 14.32 10.32 -9.63
CA GLU B 162 14.38 11.43 -10.59
C GLU B 162 15.82 11.87 -10.81
N ASN B 163 16.21 12.11 -12.06
CA ASN B 163 17.60 12.44 -12.43
C ASN B 163 18.15 13.63 -11.68
MG MG C . -6.56 0.44 -2.18
PG GNP D . -8.95 -1.67 -2.63
O1G GNP D . -9.35 -2.51 -3.81
O2G GNP D . -7.50 -1.29 -2.64
O3G GNP D . -9.32 -2.32 -1.36
N3B GNP D . -9.82 -0.29 -2.64
PB GNP D . -9.67 0.96 -1.63
O1B GNP D . -10.34 0.75 -0.30
O2B GNP D . -8.24 1.39 -1.50
O3A GNP D . -10.45 2.15 -2.30
PA GNP D . -9.93 3.35 -3.22
O1A GNP D . -9.21 4.29 -2.35
O2A GNP D . -9.27 2.81 -4.42
O5' GNP D . -11.27 4.10 -3.63
C5' GNP D . -12.25 3.49 -4.46
C4' GNP D . -13.07 4.58 -5.13
O4' GNP D . -13.76 5.35 -4.10
C3' GNP D . -12.24 5.58 -5.96
O3' GNP D . -12.91 5.74 -7.22
C2' GNP D . -12.11 6.79 -5.03
O2' GNP D . -11.94 8.04 -5.66
C1' GNP D . -13.44 6.73 -4.25
N9 GNP D . -13.31 7.30 -2.93
C8 GNP D . -12.41 7.00 -1.92
N7 GNP D . -12.57 7.71 -0.85
C5 GNP D . -13.62 8.56 -1.15
C6 GNP D . -14.26 9.55 -0.36
O6 GNP D . -13.99 9.92 0.78
N1 GNP D . -15.29 10.18 -1.06
C2 GNP D . -15.66 9.88 -2.36
N2 GNP D . -16.69 10.58 -2.90
N3 GNP D . -15.09 8.92 -3.10
C4 GNP D . -14.07 8.33 -2.43
#